data_6A9T
#
_entry.id   6A9T
#
_cell.length_a   141.163
_cell.length_b   141.163
_cell.length_c   118.381
_cell.angle_alpha   90.00
_cell.angle_beta   90.00
_cell.angle_gamma   90.00
#
_symmetry.space_group_name_H-M   'I 4 2 2'
#
loop_
_entity.id
_entity.type
_entity.pdbx_description
1 polymer 'Intermediate cleaving peptidase 55'
2 non-polymer 'MANGANESE (II) ION'
3 non-polymer GLYCINE
4 non-polymer "O-(O-(2-AMINOPROPYL)-O'-(2-METHOXYETHYL)POLYPROPYLENE GLYCOL 500)"
5 water water
#
_entity_poly.entity_id   1
_entity_poly.type   'polypeptide(L)'
_entity_poly.pdbx_seq_one_letter_code
;GSGELTPGISALEYYERRIRLAETLPPKSCVILAGNDIQFASGAVFYPFQQENDLFYLSGWNEPNSVMILEKPTDSLSDT
IFHMLVPPKDAFAEKWEGFRSGVYGVQEIFNADESASINDLSKYLPKIINRNEFIYFDMLSTSNPSSSNFKHIKSLLDGS
GNSNRSLNSIANKTIKPISKRIAEFRKIKSPQELRIMRRAGQISGRSFNQAFAKRFRNERTLDSFLHYKFISGGCDKDAY
IPVVATGSNSLCIHYTRNDDVMFDDEMVLVDAAGSLGGYCADISRTWPNSGKFTDAQRDLYEAVLNVQRDCIKLCKASNN
YSLHDIHEKSITLMKQELKNLGIDKVSGWNVEKLYPHYIGHNLGLDVHDVPKVSRYEPLKVGQVITIEPGLYIPNEESFP
SYFRNVGIRIEDDIAIGEDTYTNLTVEAVKEIDDLENVMQNGLSTKFEEDQVAPL
;
_entity_poly.pdbx_strand_id   A
#
# COMPACT_ATOMS: atom_id res chain seq x y z
N SER A 2 8.20 14.64 -17.53
CA SER A 2 7.67 14.92 -18.85
C SER A 2 7.34 13.62 -19.57
N GLY A 3 6.28 13.66 -20.40
CA GLY A 3 5.76 12.45 -21.01
C GLY A 3 4.98 11.55 -20.09
N GLU A 4 5.06 11.76 -18.78
CA GLU A 4 4.29 10.98 -17.84
C GLU A 4 2.84 11.44 -17.81
N LEU A 5 1.94 10.53 -17.43
CA LEU A 5 0.56 10.90 -17.16
C LEU A 5 0.35 11.12 -15.66
N THR A 6 0.83 10.19 -14.84
CA THR A 6 0.91 10.32 -13.40
C THR A 6 2.36 10.05 -13.01
N PRO A 7 2.77 10.44 -11.79
CA PRO A 7 4.19 10.24 -11.38
C PRO A 7 4.69 8.81 -11.57
N GLY A 8 5.67 8.64 -12.46
CA GLY A 8 6.29 7.37 -12.69
C GLY A 8 5.68 6.54 -13.81
N ILE A 9 4.47 6.86 -14.25
CA ILE A 9 3.74 6.05 -15.22
C ILE A 9 3.39 6.94 -16.41
N SER A 10 3.78 6.50 -17.60
CA SER A 10 3.43 7.22 -18.82
C SER A 10 2.04 6.82 -19.28
N ALA A 11 1.46 7.65 -20.16
CA ALA A 11 0.15 7.34 -20.73
C ALA A 11 0.19 6.08 -21.58
N LEU A 12 1.37 5.66 -22.03
CA LEU A 12 1.45 4.45 -22.83
C LEU A 12 1.24 3.21 -21.97
N GLU A 13 1.77 3.21 -20.74
CA GLU A 13 1.55 2.07 -19.86
C GLU A 13 0.08 1.95 -19.47
N TYR A 14 -0.57 3.07 -19.19
CA TYR A 14 -2.01 3.04 -18.92
C TYR A 14 -2.78 2.46 -20.09
N TYR A 15 -2.39 2.82 -21.32
CA TYR A 15 -3.01 2.23 -22.50
C TYR A 15 -2.75 0.72 -22.56
N GLU A 16 -1.52 0.30 -22.27
CA GLU A 16 -1.19 -1.11 -22.32
C GLU A 16 -1.91 -1.90 -21.24
N ARG A 17 -2.20 -1.27 -20.10
CA ARG A 17 -3.01 -1.93 -19.07
C ARG A 17 -4.42 -2.19 -19.57
N ARG A 18 -5.01 -1.22 -20.26
CA ARG A 18 -6.35 -1.41 -20.82
C ARG A 18 -6.33 -2.48 -21.89
N ILE A 19 -5.25 -2.55 -22.68
CA ILE A 19 -5.13 -3.59 -23.70
C ILE A 19 -5.04 -4.97 -23.03
N ARG A 20 -4.26 -5.08 -21.97
CA ARG A 20 -4.11 -6.36 -21.28
C ARG A 20 -5.44 -6.83 -20.70
N LEU A 21 -6.23 -5.91 -20.14
CA LEU A 21 -7.55 -6.29 -19.66
C LEU A 21 -8.47 -6.69 -20.80
N ALA A 22 -8.45 -5.93 -21.90
CA ALA A 22 -9.26 -6.27 -23.07
C ALA A 22 -8.84 -7.60 -23.69
N GLU A 23 -7.59 -8.03 -23.47
CA GLU A 23 -7.14 -9.32 -23.95
C GLU A 23 -7.81 -10.48 -23.24
N THR A 24 -8.51 -10.23 -22.14
CA THR A 24 -9.20 -11.27 -21.38
C THR A 24 -10.71 -11.17 -21.50
N LEU A 25 -11.22 -10.25 -22.33
CA LEU A 25 -12.66 -10.01 -22.43
C LEU A 25 -13.24 -10.60 -23.70
N PRO A 26 -14.42 -11.19 -23.64
CA PRO A 26 -15.07 -11.72 -24.84
C PRO A 26 -15.59 -10.60 -25.72
N PRO A 27 -15.94 -10.89 -26.97
CA PRO A 27 -16.52 -9.86 -27.83
C PRO A 27 -17.83 -9.35 -27.28
N LYS A 28 -18.13 -8.08 -27.56
CA LYS A 28 -19.32 -7.40 -27.06
C LYS A 28 -19.33 -7.36 -25.53
N SER A 29 -18.25 -6.87 -24.95
CA SER A 29 -18.12 -6.68 -23.52
C SER A 29 -17.86 -5.21 -23.23
N CYS A 30 -18.27 -4.76 -22.05
CA CYS A 30 -17.95 -3.42 -21.58
C CYS A 30 -17.70 -3.45 -20.08
N VAL A 31 -16.55 -2.90 -19.68
CA VAL A 31 -16.21 -2.77 -18.27
C VAL A 31 -16.64 -1.40 -17.80
N ILE A 32 -17.40 -1.35 -16.70
CA ILE A 32 -17.91 -0.10 -16.16
C ILE A 32 -17.29 0.10 -14.77
N LEU A 33 -16.54 1.19 -14.62
CA LEU A 33 -15.91 1.53 -13.35
C LEU A 33 -16.39 2.91 -12.91
N ALA A 34 -17.01 2.97 -11.74
CA ALA A 34 -17.48 4.22 -11.17
C ALA A 34 -16.42 4.78 -10.23
N GLY A 35 -15.95 5.99 -10.52
CA GLY A 35 -14.96 6.62 -9.67
C GLY A 35 -15.56 7.08 -8.34
N ASN A 36 -14.67 7.46 -7.42
CA ASN A 36 -15.10 7.93 -6.12
C ASN A 36 -15.54 9.40 -6.19
N ASP A 37 -16.13 9.86 -5.09
CA ASP A 37 -16.57 11.23 -4.93
C ASP A 37 -15.76 11.91 -3.83
N ILE A 38 -15.91 13.23 -3.76
CA ILE A 38 -15.36 13.98 -2.64
C ILE A 38 -16.09 13.57 -1.38
N GLN A 39 -15.33 13.26 -0.33
CA GLN A 39 -15.90 12.91 0.97
C GLN A 39 -15.82 14.12 1.89
N PHE A 40 -16.96 14.70 2.20
CA PHE A 40 -17.01 15.91 3.03
C PHE A 40 -16.97 15.57 4.51
N PHE A 46 -13.89 18.77 3.61
CA PHE A 46 -13.63 17.85 2.51
C PHE A 46 -12.26 17.18 2.66
N TYR A 47 -12.25 15.86 2.61
CA TYR A 47 -11.02 15.10 2.74
C TYR A 47 -10.23 15.11 1.43
N PRO A 48 -8.91 14.90 1.48
CA PRO A 48 -8.14 14.79 0.24
C PRO A 48 -8.61 13.59 -0.57
N PHE A 49 -8.86 13.84 -1.86
CA PHE A 49 -9.56 12.88 -2.70
C PHE A 49 -8.73 11.61 -2.90
N GLN A 50 -9.38 10.46 -2.71
CA GLN A 50 -8.80 9.15 -3.00
C GLN A 50 -9.63 8.52 -4.11
N GLN A 51 -9.03 8.37 -5.29
CA GLN A 51 -9.74 7.80 -6.43
C GLN A 51 -9.95 6.30 -6.24
N GLU A 52 -11.02 5.78 -6.82
CA GLU A 52 -11.20 4.34 -6.92
C GLU A 52 -10.01 3.73 -7.67
N ASN A 53 -9.24 2.89 -6.98
CA ASN A 53 -7.92 2.52 -7.48
C ASN A 53 -7.98 1.63 -8.72
N ASP A 54 -9.06 0.90 -8.94
CA ASP A 54 -9.18 0.15 -10.19
C ASP A 54 -9.33 1.09 -11.37
N LEU A 55 -10.12 2.16 -11.21
CA LEU A 55 -10.24 3.16 -12.28
C LEU A 55 -8.93 3.91 -12.46
N PHE A 56 -8.26 4.26 -11.36
CA PHE A 56 -6.99 4.97 -11.45
C PHE A 56 -5.92 4.10 -12.10
N TYR A 57 -5.93 2.79 -11.82
CA TYR A 57 -4.94 1.89 -12.40
C TYR A 57 -5.07 1.82 -13.92
N LEU A 58 -6.29 1.91 -14.44
CA LEU A 58 -6.53 1.76 -15.87
C LEU A 58 -6.58 3.09 -16.61
N SER A 59 -6.51 4.22 -15.92
CA SER A 59 -6.65 5.51 -16.59
C SER A 59 -5.74 6.61 -16.05
N GLY A 60 -5.32 6.54 -14.78
CA GLY A 60 -4.60 7.66 -14.19
C GLY A 60 -5.48 8.85 -13.86
N TRP A 61 -6.79 8.73 -14.02
CA TRP A 61 -7.71 9.83 -13.77
C TRP A 61 -7.94 9.98 -12.27
N ASN A 62 -7.78 11.20 -11.78
CA ASN A 62 -7.84 11.48 -10.35
C ASN A 62 -8.86 12.59 -10.04
N GLU A 63 -9.97 12.60 -10.77
CA GLU A 63 -11.02 13.56 -10.44
C GLU A 63 -12.25 12.83 -9.91
N PRO A 64 -13.01 13.46 -9.02
CA PRO A 64 -14.23 12.82 -8.51
C PRO A 64 -15.35 12.86 -9.54
N ASN A 65 -16.43 12.15 -9.20
CA ASN A 65 -17.67 12.16 -9.97
C ASN A 65 -17.41 11.81 -11.44
N SER A 66 -16.75 10.67 -11.65
CA SER A 66 -16.37 10.23 -12.98
C SER A 66 -16.70 8.75 -13.15
N VAL A 67 -16.88 8.35 -14.41
CA VAL A 67 -17.19 6.97 -14.77
C VAL A 67 -16.33 6.59 -15.97
N MET A 68 -15.69 5.44 -15.89
CA MET A 68 -14.90 4.90 -16.99
C MET A 68 -15.61 3.69 -17.60
N ILE A 69 -15.61 3.62 -18.93
CA ILE A 69 -16.16 2.48 -19.65
C ILE A 69 -15.12 2.01 -20.67
N LEU A 70 -14.69 0.77 -20.54
CA LEU A 70 -13.82 0.12 -21.51
C LEU A 70 -14.66 -0.89 -22.28
N GLU A 71 -14.85 -0.62 -23.58
CA GLU A 71 -15.74 -1.41 -24.42
C GLU A 71 -14.94 -2.18 -25.46
N LYS A 72 -15.28 -3.45 -25.64
CA LYS A 72 -14.66 -4.32 -26.64
C LYS A 72 -15.75 -4.81 -27.58
N PRO A 73 -16.00 -4.10 -28.69
CA PRO A 73 -17.12 -4.48 -29.56
C PRO A 73 -16.88 -5.76 -30.35
N THR A 74 -15.64 -6.04 -30.76
CA THR A 74 -15.36 -7.25 -31.53
C THR A 74 -14.25 -8.05 -30.86
N ASP A 75 -13.71 -9.04 -31.59
CA ASP A 75 -12.57 -9.81 -31.10
C ASP A 75 -11.24 -9.14 -31.39
N SER A 76 -11.26 -7.95 -31.99
CA SER A 76 -10.04 -7.22 -32.33
C SER A 76 -9.70 -6.24 -31.21
N LEU A 77 -8.41 -6.16 -30.87
CA LEU A 77 -7.97 -5.26 -29.82
C LEU A 77 -7.93 -3.80 -30.28
N SER A 78 -7.94 -3.55 -31.59
CA SER A 78 -7.91 -2.19 -32.11
C SER A 78 -9.28 -1.55 -32.21
N ASP A 79 -10.36 -2.31 -31.99
CA ASP A 79 -11.70 -1.77 -31.96
C ASP A 79 -12.13 -1.32 -30.57
N THR A 80 -11.29 -1.53 -29.56
CA THR A 80 -11.65 -1.18 -28.20
C THR A 80 -11.83 0.33 -28.04
N ILE A 81 -12.84 0.72 -27.27
CA ILE A 81 -13.18 2.12 -27.06
C ILE A 81 -13.04 2.44 -25.58
N PHE A 82 -12.33 3.53 -25.28
CA PHE A 82 -12.10 3.99 -23.93
C PHE A 82 -13.01 5.20 -23.67
N HIS A 83 -14.05 4.99 -22.88
CA HIS A 83 -15.02 6.03 -22.55
C HIS A 83 -14.69 6.64 -21.20
N MET A 84 -14.91 7.95 -21.08
CA MET A 84 -14.72 8.68 -19.82
C MET A 84 -15.81 9.74 -19.71
N LEU A 85 -16.62 9.66 -18.67
CA LEU A 85 -17.60 10.68 -18.33
C LEU A 85 -17.07 11.48 -17.14
N VAL A 86 -16.84 12.77 -17.35
CA VAL A 86 -16.13 13.59 -16.37
C VAL A 86 -16.94 14.84 -16.08
N PRO A 87 -16.66 15.51 -14.97
CA PRO A 87 -17.22 16.85 -14.74
C PRO A 87 -16.82 17.79 -15.86
N PRO A 88 -17.75 18.64 -16.31
CA PRO A 88 -17.51 19.43 -17.52
C PRO A 88 -16.59 20.62 -17.29
N LYS A 89 -15.80 20.92 -18.32
CA LYS A 89 -14.96 22.12 -18.35
C LYS A 89 -15.84 23.36 -18.20
N ASP A 90 -15.87 23.95 -17.00
CA ASP A 90 -16.74 25.08 -16.68
C ASP A 90 -15.90 26.16 -16.00
N ALA A 91 -15.87 27.35 -16.61
CA ALA A 91 -15.08 28.44 -16.06
C ALA A 91 -15.56 28.83 -14.66
N PHE A 92 -16.88 28.93 -14.48
CA PHE A 92 -17.40 29.31 -13.17
C PHE A 92 -17.21 28.19 -12.16
N ALA A 93 -17.47 26.95 -12.56
CA ALA A 93 -17.32 25.84 -11.63
C ALA A 93 -15.86 25.60 -11.27
N GLU A 94 -14.96 25.73 -12.24
CA GLU A 94 -13.54 25.50 -11.96
C GLU A 94 -12.97 26.56 -11.03
N LYS A 95 -13.40 27.81 -11.19
CA LYS A 95 -12.91 28.89 -10.35
C LYS A 95 -13.27 28.66 -8.89
N TRP A 96 -14.51 28.21 -8.63
CA TRP A 96 -14.93 27.96 -7.26
C TRP A 96 -14.50 26.57 -6.79
N GLU A 97 -14.52 25.58 -7.67
CA GLU A 97 -14.15 24.22 -7.29
C GLU A 97 -12.82 23.80 -7.91
N PHE A 99 -9.55 23.04 -11.05
CA PHE A 99 -9.27 23.00 -12.48
C PHE A 99 -9.60 21.62 -13.06
N ARG A 100 -10.71 21.54 -13.78
CA ARG A 100 -11.12 20.28 -14.40
C ARG A 100 -10.43 20.10 -15.74
N SER A 101 -10.08 18.86 -16.05
CA SER A 101 -9.43 18.57 -17.33
C SER A 101 -10.40 18.65 -18.49
N GLY A 102 -11.70 18.49 -18.24
CA GLY A 102 -12.70 18.62 -19.29
C GLY A 102 -12.79 17.39 -20.18
N VAL A 103 -13.59 17.53 -21.23
CA VAL A 103 -13.81 16.42 -22.16
C VAL A 103 -12.78 16.36 -23.27
N TYR A 104 -12.10 17.48 -23.58
CA TYR A 104 -11.04 17.46 -24.57
C TYR A 104 -9.67 17.21 -23.96
N GLY A 105 -9.51 17.48 -22.67
CA GLY A 105 -8.27 17.17 -21.99
C GLY A 105 -8.18 15.70 -21.64
N VAL A 106 -9.30 15.09 -21.26
CA VAL A 106 -9.32 13.67 -20.96
C VAL A 106 -9.01 12.83 -22.20
N GLN A 107 -9.20 13.39 -23.38
CA GLN A 107 -8.86 12.69 -24.62
C GLN A 107 -7.45 13.03 -25.10
N GLU A 108 -7.02 14.28 -24.95
CA GLU A 108 -5.68 14.66 -25.40
C GLU A 108 -4.62 14.26 -24.38
N ILE A 109 -4.94 14.33 -23.09
CA ILE A 109 -3.99 14.01 -22.03
C ILE A 109 -4.16 12.56 -21.55
N PHE A 110 -5.39 12.16 -21.24
CA PHE A 110 -5.65 10.83 -20.69
C PHE A 110 -6.05 9.81 -21.76
N ASN A 111 -6.15 10.22 -23.02
CA ASN A 111 -6.31 9.31 -24.16
C ASN A 111 -7.63 8.56 -24.13
N ALA A 112 -8.71 9.23 -23.75
CA ALA A 112 -10.04 8.66 -23.86
C ALA A 112 -10.50 8.77 -25.32
N ASP A 113 -10.73 7.63 -25.96
CA ASP A 113 -11.21 7.64 -27.35
C ASP A 113 -12.51 8.42 -27.48
N GLU A 114 -13.36 8.38 -26.46
CA GLU A 114 -14.66 9.03 -26.48
C GLU A 114 -14.97 9.51 -25.07
N SER A 115 -15.57 10.70 -24.98
CA SER A 115 -15.86 11.29 -23.67
C SER A 115 -17.10 12.16 -23.77
N ALA A 116 -17.65 12.49 -22.61
CA ALA A 116 -18.82 13.35 -22.49
C ALA A 116 -18.93 13.80 -21.04
N SER A 117 -19.84 14.72 -20.80
CA SER A 117 -20.09 15.20 -19.45
C SER A 117 -20.73 14.11 -18.60
N ILE A 118 -20.39 14.09 -17.31
CA ILE A 118 -20.97 13.12 -16.39
C ILE A 118 -22.47 13.34 -16.24
N ASN A 119 -22.96 14.53 -16.56
CA ASN A 119 -24.40 14.78 -16.50
C ASN A 119 -25.16 13.92 -17.50
N ASP A 120 -24.52 13.56 -18.61
CA ASP A 120 -25.15 12.76 -19.66
C ASP A 120 -25.18 11.27 -19.35
N LEU A 121 -24.92 10.86 -18.10
CA LEU A 121 -24.72 9.45 -17.80
C LEU A 121 -25.97 8.63 -18.10
N SER A 122 -27.15 9.12 -17.72
CA SER A 122 -28.37 8.35 -17.91
C SER A 122 -28.75 8.19 -19.38
N LYS A 123 -28.27 9.08 -20.25
CA LYS A 123 -28.53 8.98 -21.68
C LYS A 123 -27.36 8.40 -22.45
N TYR A 124 -26.21 8.19 -21.80
CA TYR A 124 -24.99 7.71 -22.44
C TYR A 124 -24.71 6.25 -22.15
N LEU A 125 -24.92 5.80 -20.91
CA LEU A 125 -24.57 4.44 -20.54
C LEU A 125 -25.47 3.38 -21.17
N PRO A 126 -26.81 3.51 -21.14
CA PRO A 126 -27.64 2.42 -21.68
C PRO A 126 -27.39 2.11 -23.14
N LYS A 127 -27.01 3.10 -23.95
CA LYS A 127 -26.69 2.83 -25.34
C LYS A 127 -25.47 1.92 -25.47
N ILE A 128 -24.54 2.00 -24.53
CA ILE A 128 -23.41 1.07 -24.51
C ILE A 128 -23.84 -0.27 -23.94
N ILE A 129 -24.69 -0.26 -22.91
CA ILE A 129 -25.12 -1.50 -22.29
C ILE A 129 -25.97 -2.32 -23.25
N ASN A 130 -26.86 -1.65 -24.00
CA ASN A 130 -27.79 -2.37 -24.86
C ASN A 130 -27.07 -3.09 -26.00
N ARG A 131 -25.94 -2.55 -26.47
CA ARG A 131 -25.20 -3.14 -27.58
C ARG A 131 -24.13 -4.12 -27.14
N ASN A 132 -24.11 -4.51 -25.88
CA ASN A 132 -23.14 -5.48 -25.37
C ASN A 132 -23.87 -6.64 -24.70
N GLU A 133 -23.19 -7.78 -24.65
CA GLU A 133 -23.74 -9.00 -24.07
C GLU A 133 -23.20 -9.29 -22.68
N PHE A 134 -22.00 -8.83 -22.37
CA PHE A 134 -21.36 -9.08 -21.07
C PHE A 134 -21.03 -7.74 -20.43
N ILE A 135 -21.57 -7.50 -19.25
CA ILE A 135 -21.39 -6.25 -18.52
C ILE A 135 -20.49 -6.54 -17.34
N TYR A 136 -19.28 -5.96 -17.36
CA TYR A 136 -18.32 -6.17 -16.28
C TYR A 136 -18.46 -5.03 -15.27
N PHE A 137 -19.18 -5.32 -14.18
CA PHE A 137 -19.45 -4.34 -13.14
C PHE A 137 -19.68 -5.08 -11.84
N ASP A 138 -19.10 -4.55 -10.76
CA ASP A 138 -19.20 -5.16 -9.44
C ASP A 138 -20.46 -4.63 -8.76
N MET A 139 -21.53 -5.45 -8.76
CA MET A 139 -22.79 -5.04 -8.16
C MET A 139 -22.68 -4.82 -6.65
N LEU A 140 -21.60 -5.28 -6.02
CA LEU A 140 -21.34 -5.02 -4.61
C LEU A 140 -20.06 -4.19 -4.52
N SER A 141 -20.20 -2.96 -4.01
CA SER A 141 -19.07 -2.05 -3.92
C SER A 141 -17.94 -2.61 -3.07
N SER A 146 -19.96 4.22 -0.50
CA SER A 146 -20.03 3.95 -1.92
C SER A 146 -20.23 5.23 -2.71
N SER A 147 -19.84 5.21 -3.98
CA SER A 147 -19.91 6.40 -4.82
C SER A 147 -21.36 6.70 -5.20
N SER A 148 -21.57 7.92 -5.72
CA SER A 148 -22.89 8.31 -6.21
C SER A 148 -23.16 7.71 -7.59
N ASN A 149 -22.16 7.73 -8.48
CA ASN A 149 -22.31 7.10 -9.78
C ASN A 149 -22.46 5.58 -9.64
N PHE A 150 -21.86 4.99 -8.61
CA PHE A 150 -22.05 3.56 -8.37
C PHE A 150 -23.51 3.25 -8.05
N LYS A 151 -24.07 3.95 -7.07
CA LYS A 151 -25.49 3.78 -6.75
C LYS A 151 -26.36 4.05 -7.96
N HIS A 152 -25.96 5.01 -8.79
CA HIS A 152 -26.60 5.25 -10.08
C HIS A 152 -26.48 3.99 -10.93
N ILE A 153 -25.26 3.71 -11.42
CA ILE A 153 -25.02 2.63 -12.38
C ILE A 153 -25.67 1.33 -11.92
N LYS A 154 -25.61 1.05 -10.61
CA LYS A 154 -26.19 -0.20 -10.11
C LYS A 154 -27.70 -0.25 -10.32
N SER A 155 -28.39 0.87 -10.09
CA SER A 155 -29.85 0.89 -10.25
C SER A 155 -30.26 0.64 -11.69
N LEU A 156 -29.41 1.03 -12.65
CA LEU A 156 -29.73 0.76 -14.05
C LEU A 156 -29.69 -0.73 -14.34
N LEU A 157 -28.69 -1.44 -13.80
CA LEU A 157 -28.55 -2.88 -13.99
C LEU A 157 -29.45 -3.70 -13.07
N ASP A 158 -30.18 -3.04 -12.17
CA ASP A 158 -31.08 -3.71 -11.23
C ASP A 158 -30.38 -4.80 -10.42
N THR A 174 -25.49 -10.59 -19.23
CA THR A 174 -24.83 -11.16 -18.07
C THR A 174 -23.94 -10.12 -17.38
N ILE A 175 -24.10 -9.99 -16.07
CA ILE A 175 -23.31 -9.06 -15.27
C ILE A 175 -22.22 -9.85 -14.56
N LYS A 176 -20.97 -9.47 -14.77
CA LYS A 176 -19.83 -10.20 -14.23
C LYS A 176 -18.94 -9.28 -13.41
N PRO A 177 -18.38 -9.77 -12.31
CA PRO A 177 -17.44 -8.96 -11.53
C PRO A 177 -16.17 -8.70 -12.31
N ILE A 178 -15.45 -7.65 -11.88
CA ILE A 178 -14.29 -7.20 -12.65
C ILE A 178 -13.13 -6.85 -11.73
N SER A 179 -13.43 -6.50 -10.47
CA SER A 179 -12.38 -5.99 -9.59
C SER A 179 -11.30 -7.04 -9.32
N LYS A 180 -11.70 -8.29 -9.07
CA LYS A 180 -10.71 -9.32 -8.83
C LYS A 180 -9.90 -9.63 -10.08
N ARG A 181 -10.52 -9.56 -11.25
CA ARG A 181 -9.78 -9.75 -12.49
C ARG A 181 -8.73 -8.66 -12.68
N ILE A 182 -9.07 -7.42 -12.29
CA ILE A 182 -8.09 -6.34 -12.33
C ILE A 182 -7.02 -6.56 -11.27
N ALA A 183 -7.38 -7.15 -10.13
CA ALA A 183 -6.42 -7.37 -9.06
C ALA A 183 -5.29 -8.30 -9.50
N GLU A 184 -5.60 -9.29 -10.35
CA GLU A 184 -4.56 -10.19 -10.83
C GLU A 184 -3.53 -9.46 -11.68
N PHE A 185 -3.93 -8.37 -12.35
CA PHE A 185 -2.96 -7.53 -13.05
C PHE A 185 -2.22 -6.62 -12.08
N ARG A 186 -2.94 -6.03 -11.12
CA ARG A 186 -2.32 -5.06 -10.22
C ARG A 186 -1.29 -5.71 -9.30
N LYS A 187 -1.45 -6.99 -9.00
CA LYS A 187 -0.50 -7.65 -8.11
C LYS A 187 0.87 -7.84 -8.76
N ILE A 188 0.95 -7.77 -10.08
CA ILE A 188 2.20 -7.89 -10.81
C ILE A 188 2.60 -6.48 -11.22
N LYS A 189 3.57 -5.90 -10.51
CA LYS A 189 4.00 -4.54 -10.79
C LYS A 189 4.94 -4.52 -12.00
N SER A 190 4.72 -3.55 -12.88
CA SER A 190 5.61 -3.34 -14.02
C SER A 190 6.94 -2.77 -13.52
N PRO A 191 7.98 -2.80 -14.35
CA PRO A 191 9.24 -2.15 -13.94
C PRO A 191 9.07 -0.68 -13.59
N GLN A 192 8.16 0.03 -14.26
CA GLN A 192 7.93 1.43 -13.93
C GLN A 192 7.23 1.56 -12.58
N GLU A 193 6.28 0.66 -12.30
CA GLU A 193 5.63 0.67 -11.00
C GLU A 193 6.62 0.38 -9.88
N LEU A 194 7.54 -0.56 -10.11
CA LEU A 194 8.54 -0.89 -9.10
C LEU A 194 9.43 0.32 -8.80
N ARG A 195 9.74 1.12 -9.81
CA ARG A 195 10.64 2.26 -9.61
C ARG A 195 9.96 3.38 -8.82
N ILE A 196 8.69 3.67 -9.12
CA ILE A 196 8.00 4.72 -8.39
C ILE A 196 7.73 4.27 -6.95
N MET A 197 7.52 2.98 -6.74
CA MET A 197 7.45 2.47 -5.37
C MET A 197 8.82 2.48 -4.71
N ARG A 198 9.88 2.19 -5.47
CA ARG A 198 11.24 2.33 -4.96
C ARG A 198 11.52 3.78 -4.56
N ARG A 199 11.02 4.74 -5.34
CA ARG A 199 11.19 6.15 -5.00
C ARG A 199 10.47 6.48 -3.70
N ALA A 200 9.23 6.01 -3.55
CA ALA A 200 8.49 6.26 -2.32
C ALA A 200 9.16 5.60 -1.12
N GLY A 201 9.67 4.37 -1.30
CA GLY A 201 10.36 3.71 -0.22
C GLY A 201 11.67 4.37 0.15
N GLN A 202 12.39 4.86 -0.85
CA GLN A 202 13.66 5.54 -0.60
C GLN A 202 13.45 6.88 0.11
N ILE A 203 12.44 7.64 -0.31
CA ILE A 203 12.13 8.90 0.35
C ILE A 203 11.70 8.65 1.79
N SER A 204 10.81 7.67 1.99
CA SER A 204 10.35 7.35 3.34
C SER A 204 11.50 6.81 4.19
N GLY A 205 12.36 5.98 3.59
CA GLY A 205 13.47 5.41 4.34
C GLY A 205 14.47 6.45 4.82
N ARG A 206 14.81 7.41 3.95
CA ARG A 206 15.73 8.46 4.35
C ARG A 206 15.12 9.36 5.42
N SER A 207 13.78 9.47 5.43
CA SER A 207 13.12 10.25 6.48
C SER A 207 13.29 9.58 7.85
N PHE A 208 13.20 8.26 7.90
CA PHE A 208 13.43 7.54 9.15
C PHE A 208 14.84 7.77 9.66
N ASN A 209 15.83 7.76 8.76
CA ASN A 209 17.22 7.97 9.16
C ASN A 209 17.39 9.34 9.80
N GLN A 210 16.75 10.37 9.23
CA GLN A 210 16.83 11.70 9.83
C GLN A 210 16.16 11.74 11.19
N ALA A 211 15.10 10.94 11.39
CA ALA A 211 14.46 10.88 12.70
C ALA A 211 15.34 10.14 13.71
N PHE A 212 16.11 9.14 13.26
CA PHE A 212 16.99 8.42 14.16
C PHE A 212 18.00 9.36 14.80
N ALA A 213 18.51 10.34 14.05
CA ALA A 213 19.57 11.22 14.51
C ALA A 213 19.08 12.29 15.49
N LYS A 214 17.79 12.32 15.81
CA LYS A 214 17.22 13.37 16.66
C LYS A 214 16.54 12.75 17.87
N ARG A 215 16.39 13.57 18.91
CA ARG A 215 15.67 13.19 20.12
C ARG A 215 14.26 13.75 20.09
N PHE A 216 13.29 12.93 20.49
CA PHE A 216 11.89 13.33 20.54
C PHE A 216 11.34 13.04 21.93
N ARG A 217 10.65 14.03 22.50
CA ARG A 217 10.04 13.89 23.81
C ARG A 217 8.57 13.57 23.76
N ASN A 218 7.94 13.62 22.59
CA ASN A 218 6.52 13.32 22.47
C ASN A 218 6.28 12.66 21.11
N GLU A 219 5.29 11.76 21.09
CA GLU A 219 4.98 11.04 19.86
C GLU A 219 4.52 11.97 18.75
N ARG A 220 3.84 13.06 19.10
CA ARG A 220 3.30 13.95 18.06
C ARG A 220 4.41 14.71 17.35
N THR A 221 5.51 15.03 18.05
CA THR A 221 6.62 15.71 17.40
C THR A 221 7.30 14.80 16.39
N LEU A 222 7.54 13.53 16.77
CA LEU A 222 8.06 12.55 15.84
C LEU A 222 7.09 12.30 14.70
N ASP A 223 5.78 12.29 15.00
CA ASP A 223 4.78 12.10 13.96
C ASP A 223 4.83 13.21 12.92
N SER A 224 4.76 14.47 13.37
CA SER A 224 4.76 15.59 12.43
C SER A 224 6.09 15.75 11.73
N PHE A 225 7.19 15.31 12.35
CA PHE A 225 8.49 15.38 11.70
C PHE A 225 8.55 14.46 10.49
N LEU A 226 8.21 13.19 10.68
CA LEU A 226 8.24 12.23 9.58
C LEU A 226 7.29 12.63 8.46
N HIS A 227 6.11 13.17 8.82
CA HIS A 227 5.17 13.62 7.81
C HIS A 227 5.76 14.74 6.96
N TYR A 228 6.43 15.70 7.59
CA TYR A 228 7.06 16.77 6.83
C TYR A 228 8.20 16.25 5.95
N LYS A 229 8.98 15.30 6.47
CA LYS A 229 10.08 14.76 5.68
C LYS A 229 9.58 13.94 4.50
N PHE A 230 8.45 13.23 4.66
CA PHE A 230 7.85 12.53 3.54
C PHE A 230 7.45 13.48 2.43
N ILE A 231 6.77 14.57 2.78
CA ILE A 231 6.25 15.51 1.79
C ILE A 231 7.40 16.29 1.14
N SER A 232 8.22 16.94 1.97
CA SER A 232 9.33 17.71 1.42
C SER A 232 10.34 16.82 0.71
N GLY A 233 10.40 15.54 1.07
CA GLY A 233 11.27 14.60 0.38
C GLY A 233 10.79 14.26 -1.03
N GLY A 234 9.50 14.44 -1.30
CA GLY A 234 9.00 14.23 -2.65
C GLY A 234 7.71 13.43 -2.74
N CYS A 235 7.16 13.01 -1.59
CA CYS A 235 5.93 12.24 -1.61
C CYS A 235 4.72 13.16 -1.63
N ASP A 236 3.59 12.61 -2.08
CA ASP A 236 2.37 13.40 -2.19
C ASP A 236 1.64 13.49 -0.86
N LYS A 237 1.64 12.42 -0.08
CA LYS A 237 0.83 12.33 1.13
C LYS A 237 1.34 11.15 1.94
N ASP A 238 0.77 11.00 3.14
CA ASP A 238 0.99 9.78 3.91
C ASP A 238 0.35 8.60 3.16
N ALA A 239 1.02 7.45 3.20
CA ALA A 239 0.43 6.26 2.60
C ALA A 239 -0.70 5.71 3.46
N TYR A 240 -0.65 5.96 4.77
CA TYR A 240 -1.65 5.45 5.70
C TYR A 240 -1.54 6.26 6.98
N ILE A 241 -2.51 6.07 7.87
CA ILE A 241 -2.51 6.72 9.18
C ILE A 241 -1.34 6.15 9.98
N PRO A 242 -0.41 6.98 10.45
CA PRO A 242 0.83 6.46 11.02
C PRO A 242 0.67 6.00 12.46
N VAL A 243 1.54 5.06 12.83
CA VAL A 243 1.65 4.59 14.20
C VAL A 243 2.93 5.15 14.79
N VAL A 244 2.81 5.87 15.89
CA VAL A 244 3.96 6.36 16.66
C VAL A 244 3.67 5.99 18.11
N ALA A 245 4.11 4.80 18.51
CA ALA A 245 3.76 4.22 19.81
C ALA A 245 5.04 4.00 20.62
N THR A 246 5.21 4.79 21.67
CA THR A 246 6.36 4.66 22.54
C THR A 246 6.03 3.80 23.76
N GLY A 247 7.03 3.09 24.25
CA GLY A 247 6.88 2.32 25.47
C GLY A 247 5.78 1.28 25.37
N SER A 248 4.90 1.27 26.36
CA SER A 248 3.82 0.29 26.41
C SER A 248 2.77 0.51 25.34
N ASN A 249 2.72 1.71 24.74
CA ASN A 249 1.80 1.95 23.64
C ASN A 249 2.08 1.04 22.45
N SER A 250 3.30 0.53 22.32
CA SER A 250 3.66 -0.35 21.22
C SER A 250 2.92 -1.69 21.28
N LEU A 251 2.38 -2.06 22.44
CA LEU A 251 1.61 -3.29 22.52
C LEU A 251 0.26 -3.15 21.81
N CYS A 252 -0.26 -1.93 21.71
CA CYS A 252 -1.51 -1.67 21.00
C CYS A 252 -1.22 -1.70 19.50
N ILE A 253 -1.67 -2.76 18.82
CA ILE A 253 -1.30 -2.97 17.43
C ILE A 253 -1.85 -1.86 16.54
N HIS A 254 -3.03 -1.33 16.87
CA HIS A 254 -3.69 -0.31 16.07
C HIS A 254 -3.62 1.07 16.73
N TYR A 255 -2.55 1.33 17.47
CA TYR A 255 -2.39 2.62 18.16
C TYR A 255 -2.10 3.72 17.15
N THR A 256 -2.92 4.78 17.17
CA THR A 256 -2.73 5.91 16.26
C THR A 256 -2.84 7.27 16.94
N ARG A 257 -3.07 7.33 18.26
CA ARG A 257 -3.23 8.61 18.93
C ARG A 257 -1.98 9.47 18.79
N ASN A 258 -0.80 8.88 19.01
CA ASN A 258 0.48 9.53 18.72
C ASN A 258 0.61 10.87 19.46
N ASP A 259 0.25 10.87 20.75
CA ASP A 259 0.32 12.11 21.52
C ASP A 259 0.89 11.90 22.91
N ASP A 260 1.63 10.82 23.15
CA ASP A 260 2.11 10.48 24.48
C ASP A 260 3.55 10.97 24.65
N VAL A 261 3.92 11.24 25.91
CA VAL A 261 5.28 11.62 26.23
C VAL A 261 6.20 10.43 26.02
N MET A 262 7.37 10.68 25.43
CA MET A 262 8.36 9.65 25.20
C MET A 262 9.45 9.73 26.26
N PHE A 263 9.77 8.58 26.87
CA PHE A 263 10.70 8.53 27.99
C PHE A 263 11.99 7.83 27.59
N ASP A 264 13.05 8.17 28.33
CA ASP A 264 14.41 7.77 27.96
C ASP A 264 14.63 6.26 28.00
N ASP A 265 13.86 5.53 28.80
CA ASP A 265 14.13 4.12 29.05
C ASP A 265 13.46 3.19 28.06
N GLU A 266 12.57 3.67 27.21
CA GLU A 266 11.74 2.83 26.37
C GLU A 266 12.11 2.99 24.91
N MET A 267 11.54 2.11 24.08
CA MET A 267 11.67 2.17 22.63
C MET A 267 10.34 2.60 22.02
N VAL A 268 10.42 3.20 20.84
CA VAL A 268 9.24 3.66 20.11
C VAL A 268 9.08 2.80 18.86
N LEU A 269 7.85 2.37 18.60
CA LEU A 269 7.51 1.65 17.39
C LEU A 269 6.81 2.62 16.44
N VAL A 270 7.39 2.83 15.27
CA VAL A 270 6.85 3.76 14.29
C VAL A 270 6.53 2.99 13.02
N ASP A 271 5.26 3.06 12.60
CA ASP A 271 4.82 2.52 11.32
C ASP A 271 4.29 3.70 10.50
N ALA A 272 5.08 4.14 9.52
CA ALA A 272 4.71 5.32 8.74
C ALA A 272 5.49 5.31 7.44
N ALA A 273 4.88 5.86 6.39
CA ALA A 273 5.52 5.93 5.08
C ALA A 273 4.72 6.89 4.21
N GLY A 274 5.37 7.36 3.14
CA GLY A 274 4.75 8.27 2.20
C GLY A 274 4.23 7.54 0.96
N SER A 275 3.42 8.25 0.20
CA SER A 275 2.85 7.77 -1.05
C SER A 275 3.21 8.74 -2.17
N LEU A 276 3.42 8.20 -3.36
CA LEU A 276 3.87 8.99 -4.50
C LEU A 276 3.15 8.50 -5.76
N GLY A 277 2.40 9.40 -6.39
CA GLY A 277 1.64 9.04 -7.58
C GLY A 277 0.60 7.97 -7.35
N GLY A 278 0.11 7.84 -6.12
CA GLY A 278 -0.84 6.81 -5.76
C GLY A 278 -0.21 5.54 -5.22
N TYR A 279 1.09 5.36 -5.37
CA TYR A 279 1.76 4.14 -4.94
C TYR A 279 2.31 4.30 -3.53
N CYS A 280 2.11 3.28 -2.70
CA CYS A 280 2.40 3.37 -1.28
C CYS A 280 3.70 2.65 -0.94
N ALA A 281 4.47 3.24 -0.03
CA ALA A 281 5.49 2.53 0.72
C ALA A 281 4.90 2.15 2.08
N ASP A 282 5.67 1.40 2.86
CA ASP A 282 5.16 0.91 4.15
C ASP A 282 6.34 0.47 4.99
N ILE A 283 6.67 1.24 6.02
CA ILE A 283 7.87 1.01 6.82
C ILE A 283 7.50 0.95 8.30
N SER A 284 8.08 0.00 9.01
CA SER A 284 8.04 -0.04 10.47
C SER A 284 9.48 -0.12 10.99
N ARG A 285 9.79 0.75 11.95
CA ARG A 285 11.08 0.73 12.62
C ARG A 285 10.86 0.91 14.11
N THR A 286 11.71 0.27 14.91
CA THR A 286 11.67 0.39 16.35
C THR A 286 13.07 0.71 16.85
N TRP A 287 13.19 1.72 17.70
CA TRP A 287 14.50 2.11 18.19
C TRP A 287 14.38 2.76 19.56
N PRO A 288 15.42 2.70 20.38
CA PRO A 288 15.33 3.26 21.74
C PRO A 288 15.35 4.78 21.73
N ASN A 289 14.52 5.37 22.60
CA ASN A 289 14.45 6.83 22.67
C ASN A 289 15.74 7.43 23.19
N SER A 290 16.52 6.67 23.96
CA SER A 290 17.79 7.17 24.50
C SER A 290 18.93 7.13 23.49
N GLY A 291 18.73 6.49 22.35
CA GLY A 291 19.77 6.39 21.34
C GLY A 291 20.73 5.23 21.53
N LYS A 292 20.47 4.33 22.47
CA LYS A 292 21.34 3.19 22.71
C LYS A 292 20.51 2.02 23.19
N PHE A 293 20.77 0.84 22.63
CA PHE A 293 20.08 -0.38 23.02
C PHE A 293 20.59 -0.88 24.36
N THR A 294 19.69 -1.20 25.27
CA THR A 294 20.07 -2.00 26.42
C THR A 294 20.25 -3.45 25.99
N ASP A 295 20.81 -4.27 26.89
CA ASP A 295 20.96 -5.68 26.58
C ASP A 295 19.60 -6.34 26.36
N ALA A 296 18.60 -5.96 27.15
CA ALA A 296 17.26 -6.52 26.97
C ALA A 296 16.65 -6.07 25.65
N GLN A 297 16.76 -4.77 25.34
CA GLN A 297 16.23 -4.29 24.07
C GLN A 297 16.96 -4.90 22.89
N ARG A 298 18.27 -5.14 23.03
CA ARG A 298 19.03 -5.78 21.98
C ARG A 298 18.53 -7.19 21.71
N ASP A 299 18.35 -7.98 22.77
CA ASP A 299 17.95 -9.37 22.60
C ASP A 299 16.60 -9.48 21.91
N LEU A 300 15.62 -8.67 22.33
CA LEU A 300 14.30 -8.71 21.71
C LEU A 300 14.34 -8.19 20.28
N TYR A 301 15.09 -7.11 20.04
CA TYR A 301 15.13 -6.53 18.71
C TYR A 301 15.77 -7.49 17.70
N GLU A 302 16.87 -8.13 18.08
CA GLU A 302 17.53 -9.06 17.17
C GLU A 302 16.66 -10.28 16.88
N ALA A 303 15.79 -10.67 17.81
CA ALA A 303 14.87 -11.77 17.56
C ALA A 303 13.92 -11.42 16.42
N VAL A 304 13.38 -10.20 16.42
CA VAL A 304 12.51 -9.77 15.33
C VAL A 304 13.32 -9.59 14.06
N LEU A 305 14.52 -9.03 14.17
CA LEU A 305 15.36 -8.79 12.99
C LEU A 305 15.82 -10.11 12.38
N ASN A 306 16.11 -11.12 13.21
CA ASN A 306 16.47 -12.44 12.70
C ASN A 306 15.34 -13.01 11.85
N VAL A 307 14.10 -12.94 12.35
CA VAL A 307 12.97 -13.50 11.62
C VAL A 307 12.74 -12.72 10.31
N GLN A 308 12.86 -11.39 10.37
CA GLN A 308 12.62 -10.58 9.17
C GLN A 308 13.69 -10.86 8.11
N ARG A 309 14.96 -10.90 8.52
CA ARG A 309 16.03 -11.16 7.56
C ARG A 309 15.83 -12.51 6.86
N ASP A 310 15.50 -13.54 7.63
CA ASP A 310 15.34 -14.87 7.03
C ASP A 310 14.13 -14.93 6.11
N CYS A 311 13.06 -14.22 6.44
CA CYS A 311 11.88 -14.22 5.59
C CYS A 311 12.11 -13.42 4.32
N ILE A 312 12.88 -12.34 4.40
CA ILE A 312 13.21 -11.55 3.21
C ILE A 312 14.03 -12.39 2.23
N LYS A 313 14.93 -13.24 2.75
CA LYS A 313 15.76 -14.06 1.89
C LYS A 313 14.96 -15.09 1.09
N LEU A 314 13.74 -15.41 1.54
CA LEU A 314 12.90 -16.36 0.82
C LEU A 314 12.20 -15.76 -0.39
N CYS A 315 12.25 -14.44 -0.56
CA CYS A 315 11.40 -13.75 -1.52
C CYS A 315 11.95 -13.80 -2.94
N LYS A 316 12.38 -14.98 -3.39
CA LYS A 316 12.76 -15.21 -4.77
C LYS A 316 11.71 -16.10 -5.42
N ALA A 317 11.27 -15.71 -6.63
CA ALA A 317 10.20 -16.46 -7.29
C ALA A 317 10.60 -17.89 -7.58
N SER A 318 11.90 -18.16 -7.73
CA SER A 318 12.37 -19.53 -7.96
C SER A 318 12.09 -20.44 -6.76
N ASN A 319 11.90 -19.87 -5.57
CA ASN A 319 11.57 -20.68 -4.41
C ASN A 319 10.13 -21.20 -4.42
N ASN A 320 9.24 -20.54 -5.18
CA ASN A 320 7.84 -20.94 -5.32
C ASN A 320 7.06 -20.84 -4.02
N TYR A 321 7.54 -20.06 -3.05
CA TYR A 321 6.78 -19.85 -1.83
C TYR A 321 5.55 -19.00 -2.10
N SER A 322 4.47 -19.30 -1.40
CA SER A 322 3.32 -18.41 -1.35
C SER A 322 3.48 -17.44 -0.18
N LEU A 323 2.62 -16.43 -0.15
CA LEU A 323 2.63 -15.52 0.99
C LEU A 323 2.36 -16.26 2.29
N HIS A 324 1.47 -17.26 2.25
CA HIS A 324 1.15 -18.03 3.44
C HIS A 324 2.30 -18.95 3.84
N ASP A 325 3.00 -19.52 2.85
CA ASP A 325 4.19 -20.31 3.14
C ASP A 325 5.19 -19.50 3.97
N ILE A 326 5.42 -18.25 3.57
CA ILE A 326 6.37 -17.40 4.27
C ILE A 326 5.89 -17.07 5.67
N HIS A 327 4.57 -16.88 5.84
CA HIS A 327 4.03 -16.60 7.16
C HIS A 327 4.25 -17.77 8.11
N GLU A 328 3.94 -18.99 7.63
CA GLU A 328 4.13 -20.15 8.49
C GLU A 328 5.60 -20.39 8.80
N LYS A 329 6.48 -20.10 7.85
CA LYS A 329 7.91 -20.15 8.14
C LYS A 329 8.32 -19.06 9.12
N SER A 330 7.64 -17.90 9.08
CA SER A 330 7.92 -16.85 10.06
C SER A 330 7.48 -17.26 11.45
N ILE A 331 6.41 -18.06 11.56
CA ILE A 331 5.99 -18.56 12.86
C ILE A 331 7.04 -19.52 13.42
N THR A 332 7.53 -20.44 12.58
CA THR A 332 8.56 -21.37 13.03
C THR A 332 9.82 -20.64 13.43
N LEU A 333 10.23 -19.65 12.64
CA LEU A 333 11.43 -18.89 12.96
C LEU A 333 11.27 -18.11 14.27
N MET A 334 10.09 -17.55 14.50
CA MET A 334 9.86 -16.78 15.71
C MET A 334 9.85 -17.69 16.94
N LYS A 335 9.33 -18.91 16.80
CA LYS A 335 9.35 -19.86 17.92
C LYS A 335 10.76 -20.20 18.33
N GLN A 336 11.67 -20.34 17.36
CA GLN A 336 13.07 -20.60 17.69
C GLN A 336 13.70 -19.41 18.41
N GLU A 337 13.38 -18.19 17.97
CA GLU A 337 13.90 -17.00 18.64
C GLU A 337 13.36 -16.90 20.07
N LEU A 338 12.09 -17.22 20.28
CA LEU A 338 11.54 -17.26 21.63
C LEU A 338 12.24 -18.33 22.45
N LYS A 339 12.57 -19.46 21.84
CA LYS A 339 13.28 -20.51 22.55
C LYS A 339 14.69 -20.06 22.94
N ASN A 340 15.38 -19.35 22.04
CA ASN A 340 16.70 -18.82 22.36
C ASN A 340 16.62 -17.82 23.51
N LEU A 341 15.54 -17.05 23.59
CA LEU A 341 15.33 -16.10 24.67
C LEU A 341 14.75 -16.76 25.92
N GLY A 342 14.41 -18.04 25.86
CA GLY A 342 13.85 -18.72 27.01
C GLY A 342 12.48 -18.24 27.45
N ILE A 343 11.72 -17.64 26.53
CA ILE A 343 10.39 -17.14 26.85
C ILE A 343 9.37 -17.81 25.94
N ASP A 344 9.66 -19.03 25.50
CA ASP A 344 8.82 -19.74 24.54
C ASP A 344 7.82 -20.69 25.19
N LYS A 345 7.89 -20.89 26.50
CA LYS A 345 7.01 -21.84 27.17
C LYS A 345 6.22 -21.18 28.30
N VAL A 346 5.88 -19.90 28.14
CA VAL A 346 5.05 -19.21 29.12
C VAL A 346 3.61 -19.67 28.94
N SER A 347 3.00 -20.13 30.03
CA SER A 347 1.66 -20.71 29.96
C SER A 347 0.65 -19.66 29.53
N GLY A 348 -0.09 -19.96 28.46
CA GLY A 348 -1.08 -19.06 27.92
C GLY A 348 -0.56 -18.02 26.96
N TRP A 349 0.75 -18.01 26.67
CA TRP A 349 1.35 -17.02 25.79
C TRP A 349 2.20 -17.76 24.73
N ASN A 350 1.52 -18.49 23.86
CA ASN A 350 2.18 -19.13 22.74
C ASN A 350 2.65 -18.07 21.75
N VAL A 351 3.31 -18.52 20.68
CA VAL A 351 3.91 -17.59 19.72
C VAL A 351 2.83 -16.76 19.03
N GLU A 352 1.63 -17.32 18.85
CA GLU A 352 0.56 -16.60 18.17
C GLU A 352 -0.03 -15.49 19.02
N LYS A 353 0.27 -15.45 20.32
CA LYS A 353 -0.16 -14.34 21.16
C LYS A 353 0.93 -13.29 21.35
N LEU A 354 2.20 -13.67 21.22
CA LEU A 354 3.29 -12.70 21.20
C LEU A 354 3.58 -12.17 19.81
N TYR A 355 3.21 -12.92 18.77
CA TYR A 355 3.35 -12.53 17.38
C TYR A 355 1.98 -12.73 16.74
N PRO A 356 1.05 -11.81 16.98
CA PRO A 356 -0.37 -12.07 16.71
C PRO A 356 -0.91 -11.61 15.36
N HIS A 357 -0.05 -11.23 14.41
CA HIS A 357 -0.52 -10.75 13.12
C HIS A 357 0.23 -11.47 12.00
N TYR A 358 -0.17 -11.16 10.77
CA TYR A 358 0.38 -11.81 9.59
C TYR A 358 1.78 -11.29 9.28
N ILE A 359 2.50 -12.03 8.44
CA ILE A 359 3.88 -11.66 8.10
C ILE A 359 3.91 -10.43 7.20
N GLY A 360 2.88 -10.22 6.41
CA GLY A 360 2.89 -9.10 5.48
C GLY A 360 1.70 -9.17 4.54
N HIS A 361 1.83 -8.47 3.42
CA HIS A 361 0.72 -8.26 2.51
C HIS A 361 1.27 -7.69 1.20
N ASN A 362 0.50 -7.86 0.13
CA ASN A 362 0.81 -7.18 -1.12
C ASN A 362 0.72 -5.67 -0.93
N LEU A 363 1.53 -4.95 -1.71
CA LEU A 363 1.64 -3.51 -1.58
C LEU A 363 1.61 -2.87 -2.97
N GLY A 364 0.84 -1.79 -3.10
CA GLY A 364 0.74 -1.10 -4.37
C GLY A 364 -0.02 0.22 -4.27
N LEU A 365 -1.04 0.38 -5.13
CA LEU A 365 -1.88 1.58 -5.04
C LEU A 365 -2.62 1.63 -3.71
N ASP A 366 -2.98 0.47 -3.16
CA ASP A 366 -3.49 0.35 -1.80
C ASP A 366 -2.38 -0.19 -0.90
N VAL A 367 -2.44 0.21 0.37
CA VAL A 367 -1.47 -0.30 1.35
C VAL A 367 -1.61 -1.81 1.48
N HIS A 368 -2.81 -2.27 1.81
CA HIS A 368 -3.13 -3.69 1.76
C HIS A 368 -3.66 -3.98 0.36
N ASP A 369 -2.73 -4.09 -0.58
CA ASP A 369 -3.06 -4.14 -2.00
C ASP A 369 -3.66 -5.49 -2.36
N VAL A 370 -4.45 -5.49 -3.45
CA VAL A 370 -5.11 -6.64 -4.04
C VAL A 370 -5.50 -7.70 -3.01
N PRO A 371 -6.37 -7.37 -2.05
CA PRO A 371 -6.69 -8.35 -1.00
C PRO A 371 -7.43 -9.57 -1.50
N LYS A 372 -7.99 -9.55 -2.71
CA LYS A 372 -8.75 -10.67 -3.23
C LYS A 372 -7.89 -11.71 -3.93
N VAL A 373 -6.62 -11.43 -4.21
CA VAL A 373 -5.75 -12.45 -4.78
C VAL A 373 -5.41 -13.49 -3.71
N SER A 374 -5.02 -14.67 -4.18
CA SER A 374 -4.87 -15.82 -3.30
C SER A 374 -3.59 -15.71 -2.46
N ARG A 375 -3.74 -15.86 -1.14
CA ARG A 375 -2.59 -15.94 -0.25
C ARG A 375 -1.81 -17.24 -0.43
N TYR A 376 -2.38 -18.23 -1.10
CA TYR A 376 -1.82 -19.57 -1.16
C TYR A 376 -1.16 -19.90 -2.50
N GLU A 377 -1.16 -18.98 -3.44
CA GLU A 377 -0.46 -19.28 -4.67
C GLU A 377 0.97 -18.75 -4.63
N PRO A 378 1.91 -19.44 -5.27
CA PRO A 378 3.32 -19.02 -5.21
C PRO A 378 3.51 -17.59 -5.68
N LEU A 379 4.38 -16.87 -4.98
CA LEU A 379 4.70 -15.50 -5.36
C LEU A 379 5.34 -15.46 -6.75
N LYS A 380 4.97 -14.46 -7.53
CA LYS A 380 5.43 -14.32 -8.90
C LYS A 380 6.29 -13.08 -9.04
N VAL A 381 7.11 -13.06 -10.10
CA VAL A 381 7.97 -11.91 -10.37
C VAL A 381 7.11 -10.66 -10.55
N GLY A 382 7.53 -9.58 -9.92
CA GLY A 382 6.84 -8.32 -10.00
C GLY A 382 5.96 -7.99 -8.81
N GLN A 383 5.58 -9.00 -8.03
CA GLN A 383 4.81 -8.74 -6.82
C GLN A 383 5.64 -7.98 -5.80
N VAL A 384 4.96 -7.14 -5.02
CA VAL A 384 5.57 -6.41 -3.92
C VAL A 384 4.83 -6.79 -2.65
N ILE A 385 5.56 -7.42 -1.71
CA ILE A 385 4.98 -7.79 -0.43
C ILE A 385 5.82 -7.19 0.68
N THR A 386 5.19 -6.94 1.82
CA THR A 386 5.89 -6.50 3.01
C THR A 386 6.31 -7.72 3.83
N ILE A 387 7.39 -7.55 4.58
CA ILE A 387 7.86 -8.54 5.55
C ILE A 387 7.97 -7.81 6.87
N GLU A 388 7.04 -8.08 7.79
CA GLU A 388 6.90 -7.27 9.01
C GLU A 388 6.55 -8.15 10.20
N PRO A 389 7.46 -9.02 10.63
CA PRO A 389 7.23 -9.77 11.87
C PRO A 389 7.35 -8.85 13.07
N GLY A 390 6.81 -9.31 14.20
CA GLY A 390 6.81 -8.48 15.39
C GLY A 390 6.69 -9.30 16.65
N LEU A 391 7.22 -8.73 17.74
CA LEU A 391 7.09 -9.29 19.08
C LEU A 391 6.49 -8.24 20.00
N TYR A 392 5.52 -8.66 20.81
CA TYR A 392 4.78 -7.74 21.68
C TYR A 392 4.59 -8.45 23.02
N ILE A 393 5.50 -8.18 23.96
CA ILE A 393 5.56 -8.91 25.22
C ILE A 393 4.59 -8.24 26.20
N PRO A 394 3.63 -8.97 26.76
CA PRO A 394 2.67 -8.34 27.67
C PRO A 394 3.29 -8.01 29.02
N ASN A 395 2.54 -7.22 29.80
CA ASN A 395 2.97 -6.84 31.15
C ASN A 395 2.54 -7.91 32.15
N GLU A 396 3.09 -9.11 31.97
CA GLU A 396 2.80 -10.24 32.82
C GLU A 396 4.05 -10.64 33.60
N GLU A 397 3.87 -10.93 34.88
CA GLU A 397 5.00 -11.27 35.75
C GLU A 397 5.68 -12.57 35.33
N SER A 398 4.99 -13.41 34.54
CA SER A 398 5.60 -14.64 34.06
C SER A 398 6.73 -14.39 33.07
N PHE A 399 6.84 -13.18 32.51
CA PHE A 399 7.91 -12.77 31.64
C PHE A 399 8.95 -11.96 32.43
N PRO A 400 10.20 -11.94 31.97
CA PRO A 400 11.21 -11.10 32.63
C PRO A 400 10.79 -9.63 32.60
N SER A 401 11.09 -8.92 33.68
CA SER A 401 10.64 -7.53 33.82
C SER A 401 11.24 -6.65 32.73
N TYR A 402 12.44 -6.96 32.26
CA TYR A 402 13.08 -6.18 31.21
C TYR A 402 12.51 -6.48 29.83
N PHE A 403 11.53 -7.38 29.73
CA PHE A 403 10.85 -7.64 28.46
C PHE A 403 9.43 -7.12 28.41
N ARG A 404 8.80 -6.87 29.56
CA ARG A 404 7.39 -6.50 29.59
C ARG A 404 7.16 -5.15 28.93
N ASN A 405 5.96 -5.01 28.34
CA ASN A 405 5.52 -3.76 27.71
C ASN A 405 6.46 -3.29 26.61
N VAL A 406 7.13 -4.21 25.94
CA VAL A 406 8.03 -3.90 24.83
C VAL A 406 7.43 -4.48 23.55
N GLY A 407 7.11 -3.61 22.61
CA GLY A 407 6.62 -4.02 21.30
C GLY A 407 7.61 -3.62 20.22
N ILE A 408 7.86 -4.53 19.29
CA ILE A 408 8.84 -4.31 18.24
C ILE A 408 8.26 -4.79 16.91
N ARG A 409 8.39 -3.98 15.87
CA ARG A 409 8.09 -4.42 14.51
C ARG A 409 9.11 -3.81 13.56
N ILE A 410 9.55 -4.61 12.60
CA ILE A 410 10.51 -4.20 11.58
C ILE A 410 9.92 -4.59 10.22
N GLU A 411 9.61 -3.58 9.40
CA GLU A 411 8.89 -3.80 8.15
C GLU A 411 9.66 -3.21 6.98
N ASP A 412 9.74 -3.97 5.90
CA ASP A 412 10.34 -3.51 4.65
C ASP A 412 9.48 -3.98 3.49
N ASP A 413 9.64 -3.31 2.35
CA ASP A 413 8.87 -3.59 1.15
C ASP A 413 9.78 -4.33 0.16
N ILE A 414 9.37 -5.54 -0.22
CA ILE A 414 10.21 -6.45 -0.98
C ILE A 414 9.55 -6.71 -2.32
N ALA A 415 10.27 -6.42 -3.40
CA ALA A 415 9.82 -6.75 -4.75
C ALA A 415 10.34 -8.13 -5.12
N ILE A 416 9.43 -9.00 -5.58
CA ILE A 416 9.81 -10.37 -5.92
C ILE A 416 10.50 -10.38 -7.26
N GLY A 417 11.69 -10.99 -7.31
CA GLY A 417 12.43 -11.17 -8.53
C GLY A 417 12.51 -12.63 -8.93
N GLU A 418 13.06 -12.87 -10.11
CA GLU A 418 13.25 -14.23 -10.63
C GLU A 418 14.11 -15.06 -9.67
N ASP A 419 15.37 -14.66 -9.54
CA ASP A 419 16.36 -15.39 -8.74
C ASP A 419 16.88 -14.54 -7.58
N THR A 420 16.18 -13.47 -7.24
CA THR A 420 16.60 -12.56 -6.19
C THR A 420 15.39 -11.71 -5.79
N TYR A 421 15.65 -10.60 -5.11
CA TYR A 421 14.60 -9.68 -4.71
C TYR A 421 15.22 -8.29 -4.58
N THR A 422 14.36 -7.29 -4.46
CA THR A 422 14.78 -5.91 -4.31
C THR A 422 14.16 -5.33 -3.05
N ASN A 423 15.01 -4.94 -2.10
CA ASN A 423 14.55 -4.26 -0.89
C ASN A 423 14.26 -2.81 -1.26
N LEU A 424 12.97 -2.47 -1.40
CA LEU A 424 12.58 -1.15 -1.84
C LEU A 424 12.81 -0.08 -0.78
N THR A 425 12.94 -0.48 0.49
CA THR A 425 13.08 0.45 1.60
C THR A 425 14.42 0.26 2.32
N VAL A 426 15.46 -0.12 1.58
CA VAL A 426 16.73 -0.49 2.20
C VAL A 426 17.45 0.70 2.81
N GLU A 427 17.10 1.92 2.41
CA GLU A 427 17.78 3.11 2.95
C GLU A 427 17.62 3.21 4.46
N ALA A 428 16.42 2.92 4.96
CA ALA A 428 16.16 2.98 6.39
C ALA A 428 16.96 1.90 7.11
N VAL A 429 17.98 2.32 7.86
CA VAL A 429 18.82 1.35 8.56
C VAL A 429 18.00 0.62 9.62
N LYS A 430 18.44 -0.59 9.96
CA LYS A 430 17.72 -1.41 10.93
C LYS A 430 18.68 -2.28 11.73
N GLU A 431 19.86 -2.54 11.20
CA GLU A 431 20.87 -3.25 11.99
C GLU A 431 21.25 -2.41 13.21
N ILE A 432 21.51 -3.10 14.33
CA ILE A 432 21.74 -2.39 15.59
C ILE A 432 22.94 -1.46 15.50
N ASP A 433 24.03 -1.93 14.87
CA ASP A 433 25.20 -1.09 14.72
C ASP A 433 24.93 0.12 13.83
N ASP A 434 24.16 -0.08 12.75
CA ASP A 434 23.78 1.05 11.91
C ASP A 434 22.85 2.00 12.64
N LEU A 435 21.87 1.46 13.37
CA LEU A 435 20.93 2.30 14.11
C LEU A 435 21.67 3.16 15.13
N GLU A 436 22.54 2.54 15.94
CA GLU A 436 23.23 3.29 16.98
C GLU A 436 24.23 4.28 16.39
N ASN A 437 24.74 4.01 15.19
CA ASN A 437 25.63 4.96 14.53
C ASN A 437 24.90 6.24 14.17
N VAL A 438 23.69 6.10 13.61
CA VAL A 438 22.93 7.28 13.21
C VAL A 438 22.38 8.01 14.44
N MET A 439 21.91 7.26 15.44
CA MET A 439 21.30 7.88 16.61
C MET A 439 22.30 8.69 17.41
N GLN A 440 23.56 8.25 17.47
CA GLN A 440 24.56 8.89 18.31
C GLN A 440 25.48 9.83 17.56
N ASN A 441 25.76 9.56 16.28
CA ASN A 441 26.66 10.39 15.50
C ASN A 441 25.96 11.25 14.46
N GLY A 442 24.68 11.00 14.20
CA GLY A 442 23.96 11.78 13.21
C GLY A 442 24.16 11.25 11.80
N LEU A 443 24.11 12.17 10.83
CA LEU A 443 24.28 11.81 9.43
C LEU A 443 25.36 12.68 8.78
#